data_4HYE
#
_entry.id   4HYE
#
_cell.length_a   46.910
_cell.length_b   71.376
_cell.length_c   117.727
_cell.angle_alpha   90.000
_cell.angle_beta   90.000
_cell.angle_gamma   90.000
#
_symmetry.space_group_name_H-M   'P 21 21 21'
#
loop_
_entity.id
_entity.type
_entity.pdbx_description
1 polymer 'Response regulator'
2 water water
#
_entity_poly.entity_id   1
_entity_poly.type   'polypeptide(L)'
_entity_poly.pdbx_seq_one_letter_code
;MGSSHHHHHHSSGLVPRGSHHMKVLVAEDQSMLRDAMCQLLTLQPDVESVLQAKNGQEAIQLLEKESVDIAILDVEMPVK
TGLEVLEWIRSEKLETKVVVVTTFKRAGYFERAVKAGVDAYVLKERSIADLMQTLHTVLEGRKEYSPELMEMVMTRPNPL
TEQEIAVLKGIARGLSNQEIADQLYLSNGTIRNYVTNILSKLDAGNRTEAANIAKESGWL
;
_entity_poly.pdbx_strand_id   A,B
#
# COMPACT_ATOMS: atom_id res chain seq x y z
N HIS A 21 -28.09 -7.15 10.63
CA HIS A 21 -27.86 -5.86 10.00
C HIS A 21 -27.55 -6.04 8.49
N MET A 22 -26.36 -6.52 8.16
CA MET A 22 -25.78 -6.29 6.83
C MET A 22 -26.37 -7.14 5.68
N LYS A 23 -26.68 -6.51 4.57
CA LYS A 23 -26.94 -7.24 3.35
C LYS A 23 -25.67 -7.24 2.50
N VAL A 24 -25.13 -8.41 2.28
CA VAL A 24 -23.83 -8.52 1.65
C VAL A 24 -24.00 -9.13 0.30
N LEU A 25 -23.09 -8.81 -0.62
CA LEU A 25 -22.96 -9.45 -1.91
C LEU A 25 -21.51 -9.85 -2.02
N VAL A 26 -21.26 -11.07 -2.52
CA VAL A 26 -19.95 -11.59 -2.72
C VAL A 26 -19.83 -11.88 -4.22
N ALA A 27 -18.81 -11.32 -4.84
CA ALA A 27 -18.58 -11.59 -6.21
C ALA A 27 -17.20 -12.20 -6.28
N GLU A 28 -17.12 -13.42 -6.78
CA GLU A 28 -15.87 -14.25 -6.74
C GLU A 28 -15.93 -15.40 -7.76
N ASP A 29 -14.97 -15.48 -8.70
CA ASP A 29 -15.10 -16.47 -9.71
C ASP A 29 -14.57 -17.87 -9.36
N GLN A 30 -13.75 -18.04 -8.32
CA GLN A 30 -13.47 -19.44 -7.85
C GLN A 30 -14.65 -19.95 -7.01
N SER A 31 -15.34 -20.96 -7.50
CA SER A 31 -16.64 -21.32 -6.94
C SER A 31 -16.50 -21.80 -5.51
N MET A 32 -15.49 -22.63 -5.23
CA MET A 32 -15.43 -23.25 -3.89
C MET A 32 -15.11 -22.14 -2.90
N LEU A 33 -14.23 -21.23 -3.25
CA LEU A 33 -13.95 -20.07 -2.39
C LEU A 33 -15.15 -19.13 -2.19
N ARG A 34 -15.89 -18.92 -3.28
CA ARG A 34 -17.14 -18.14 -3.21
C ARG A 34 -18.09 -18.82 -2.21
N ASP A 35 -18.23 -20.10 -2.35
CA ASP A 35 -19.16 -20.87 -1.53
C ASP A 35 -18.71 -20.81 -0.09
N ALA A 36 -17.40 -20.96 0.12
CA ALA A 36 -16.86 -20.93 1.48
C ALA A 36 -17.13 -19.56 2.12
N MET A 37 -16.83 -18.47 1.39
CA MET A 37 -17.05 -17.09 1.93
C MET A 37 -18.52 -16.88 2.31
N CYS A 38 -19.43 -17.33 1.44
CA CYS A 38 -20.91 -17.07 1.71
C CYS A 38 -21.39 -17.92 2.81
N GLN A 39 -20.93 -19.17 2.86
CA GLN A 39 -21.26 -20.05 3.99
C GLN A 39 -20.87 -19.46 5.33
N LEU A 40 -19.63 -18.98 5.41
CA LEU A 40 -19.15 -18.40 6.69
C LEU A 40 -19.79 -17.05 7.01
N LEU A 41 -19.94 -16.19 6.01
CA LEU A 41 -20.59 -14.89 6.28
C LEU A 41 -22.07 -15.08 6.76
N THR A 42 -22.76 -16.07 6.21
CA THR A 42 -24.17 -16.24 6.48
C THR A 42 -24.36 -16.61 7.93
N LEU A 43 -23.37 -17.31 8.47
CA LEU A 43 -23.38 -17.73 9.87
C LEU A 43 -23.11 -16.61 10.86
N GLN A 44 -22.62 -15.46 10.41
CA GLN A 44 -22.35 -14.35 11.32
C GLN A 44 -23.61 -13.68 11.85
N PRO A 45 -23.62 -13.34 13.13
CA PRO A 45 -24.85 -12.72 13.79
C PRO A 45 -25.23 -11.37 13.15
N ASP A 46 -24.22 -10.64 12.70
CA ASP A 46 -24.30 -9.33 12.08
C ASP A 46 -24.80 -9.34 10.62
N VAL A 47 -24.78 -10.51 9.97
CA VAL A 47 -25.18 -10.62 8.58
C VAL A 47 -26.60 -11.19 8.38
N GLU A 48 -27.42 -10.43 7.66
CA GLU A 48 -28.82 -10.79 7.44
C GLU A 48 -28.92 -11.62 6.17
N SER A 49 -28.10 -11.34 5.14
CA SER A 49 -28.21 -12.07 3.92
C SER A 49 -26.96 -11.91 3.08
N VAL A 50 -26.73 -12.92 2.25
CA VAL A 50 -25.58 -12.90 1.33
C VAL A 50 -26.06 -13.30 -0.08
N LEU A 51 -25.79 -12.45 -1.06
CA LEU A 51 -26.05 -12.73 -2.48
C LEU A 51 -24.71 -13.14 -3.11
N GLN A 52 -24.77 -14.01 -4.12
CA GLN A 52 -23.61 -14.54 -4.80
C GLN A 52 -23.57 -14.19 -6.27
N ALA A 53 -22.39 -13.87 -6.77
CA ALA A 53 -22.21 -13.58 -8.14
C ALA A 53 -20.90 -14.18 -8.57
N LYS A 54 -20.90 -14.79 -9.75
CA LYS A 54 -19.73 -15.56 -10.19
C LYS A 54 -18.88 -14.71 -11.08
N ASN A 55 -19.43 -13.57 -11.50
CA ASN A 55 -18.67 -12.62 -12.27
C ASN A 55 -19.19 -11.20 -12.05
N GLY A 56 -18.49 -10.23 -12.61
CA GLY A 56 -18.80 -8.87 -12.28
C GLY A 56 -20.08 -8.35 -12.89
N GLN A 57 -20.48 -8.91 -14.07
CA GLN A 57 -21.72 -8.47 -14.70
C GLN A 57 -22.87 -8.97 -13.83
N GLU A 58 -22.71 -10.15 -13.29
CA GLU A 58 -23.74 -10.76 -12.47
C GLU A 58 -23.97 -9.97 -11.20
N ALA A 59 -22.87 -9.57 -10.58
CA ALA A 59 -22.93 -8.65 -9.47
C ALA A 59 -23.68 -7.36 -9.84
N ILE A 60 -23.36 -6.72 -10.95
CA ILE A 60 -24.08 -5.51 -11.38
C ILE A 60 -25.56 -5.74 -11.54
N GLN A 61 -25.95 -6.87 -12.16
CA GLN A 61 -27.35 -7.23 -12.34
C GLN A 61 -28.04 -7.34 -10.93
N LEU A 62 -27.31 -7.92 -10.00
CA LEU A 62 -27.88 -8.07 -8.64
C LEU A 62 -28.02 -6.72 -7.90
N LEU A 63 -27.04 -5.85 -8.08
CA LEU A 63 -27.04 -4.49 -7.48
C LEU A 63 -28.17 -3.59 -8.07
N GLU A 64 -28.69 -3.96 -9.21
CA GLU A 64 -29.72 -3.21 -9.87
C GLU A 64 -31.06 -3.67 -9.33
N LYS A 65 -31.16 -4.88 -8.79
CA LYS A 65 -32.46 -5.46 -8.33
C LYS A 65 -32.64 -5.43 -6.82
N GLU A 66 -31.52 -5.45 -6.10
CA GLU A 66 -31.56 -5.69 -4.66
C GLU A 66 -30.85 -4.63 -3.85
N SER A 67 -31.32 -4.37 -2.63
CA SER A 67 -30.57 -3.49 -1.75
C SER A 67 -29.36 -4.24 -1.21
N VAL A 68 -28.22 -3.56 -1.22
CA VAL A 68 -26.95 -4.12 -0.74
C VAL A 68 -26.19 -3.07 0.06
N ASP A 69 -25.79 -3.44 1.25
CA ASP A 69 -25.05 -2.58 2.13
C ASP A 69 -23.55 -2.57 1.82
N ILE A 70 -23.04 -3.78 1.57
CA ILE A 70 -21.63 -4.01 1.33
C ILE A 70 -21.43 -5.03 0.23
N ALA A 71 -20.61 -4.69 -0.75
CA ALA A 71 -20.25 -5.61 -1.79
C ALA A 71 -18.76 -6.00 -1.62
N ILE A 72 -18.50 -7.30 -1.67
CA ILE A 72 -17.13 -7.84 -1.61
C ILE A 72 -16.78 -8.37 -2.98
N LEU A 73 -15.72 -7.81 -3.59
CA LEU A 73 -15.49 -8.08 -4.95
C LEU A 73 -14.03 -8.46 -5.21
N ASP A 74 -13.84 -9.53 -5.97
CA ASP A 74 -12.48 -10.00 -6.29
C ASP A 74 -12.02 -8.99 -7.29
N VAL A 75 -10.79 -8.49 -7.12
CA VAL A 75 -10.24 -7.65 -8.16
C VAL A 75 -10.41 -8.13 -9.62
N GLU A 76 -10.21 -9.42 -9.83
CA GLU A 76 -10.29 -10.05 -11.11
C GLU A 76 -11.45 -11.05 -11.22
N MET A 77 -12.29 -10.83 -12.20
CA MET A 77 -13.27 -11.75 -12.56
C MET A 77 -13.52 -11.64 -14.07
N PRO A 78 -14.07 -12.68 -14.64
CA PRO A 78 -14.48 -12.60 -16.06
C PRO A 78 -15.66 -11.66 -16.33
N VAL A 79 -15.79 -11.21 -17.56
CA VAL A 79 -16.87 -10.32 -18.01
C VAL A 79 -16.69 -8.86 -17.54
N LYS A 80 -16.86 -8.61 -16.24
CA LYS A 80 -16.43 -7.36 -15.64
C LYS A 80 -15.56 -7.67 -14.38
N THR A 81 -14.44 -6.99 -14.24
CA THR A 81 -13.53 -7.17 -13.09
C THR A 81 -14.20 -6.49 -11.86
N GLY A 82 -13.72 -6.87 -10.70
CA GLY A 82 -14.11 -6.14 -9.46
C GLY A 82 -13.96 -4.65 -9.54
N LEU A 83 -12.88 -4.19 -10.17
CA LEU A 83 -12.69 -2.79 -10.38
C LEU A 83 -13.75 -2.17 -11.31
N GLU A 84 -14.17 -2.89 -12.35
CA GLU A 84 -15.18 -2.42 -13.26
C GLU A 84 -16.51 -2.32 -12.54
N VAL A 85 -16.75 -3.26 -11.62
CA VAL A 85 -18.03 -3.23 -10.88
C VAL A 85 -18.00 -2.00 -10.01
N LEU A 86 -16.89 -1.80 -9.28
CA LEU A 86 -16.76 -0.65 -8.37
C LEU A 86 -16.98 0.64 -9.13
N GLU A 87 -16.28 0.76 -10.26
CA GLU A 87 -16.53 1.89 -11.17
C GLU A 87 -17.99 2.13 -11.56
N TRP A 88 -18.76 1.06 -11.74
CA TRP A 88 -20.08 1.15 -12.22
C TRP A 88 -20.91 1.66 -11.02
N ILE A 89 -20.59 1.10 -9.87
CA ILE A 89 -21.36 1.47 -8.59
C ILE A 89 -21.22 2.98 -8.30
N ARG A 90 -19.98 3.50 -8.43
CA ARG A 90 -19.73 4.90 -8.18
C ARG A 90 -20.38 5.78 -9.26
N SER A 91 -20.30 5.37 -10.52
CA SER A 91 -20.89 6.13 -11.64
C SER A 91 -22.43 6.14 -11.64
N GLU A 92 -23.06 5.15 -11.01
CA GLU A 92 -24.54 5.16 -10.87
C GLU A 92 -24.93 5.73 -9.54
N LYS A 93 -23.91 6.10 -8.78
CA LYS A 93 -24.03 6.72 -7.45
C LYS A 93 -24.80 5.91 -6.45
N LEU A 94 -24.60 4.60 -6.41
CA LEU A 94 -25.23 3.77 -5.32
C LEU A 94 -24.67 4.01 -3.93
N GLU A 95 -25.46 3.77 -2.90
CA GLU A 95 -24.90 3.93 -1.56
C GLU A 95 -24.34 2.61 -1.02
N THR A 96 -23.47 1.98 -1.79
CA THR A 96 -22.94 0.68 -1.42
C THR A 96 -21.51 0.86 -1.05
N LYS A 97 -21.09 0.30 0.06
CA LYS A 97 -19.68 0.22 0.49
C LYS A 97 -19.04 -0.93 -0.31
N VAL A 98 -17.77 -0.76 -0.76
CA VAL A 98 -17.13 -1.71 -1.58
C VAL A 98 -15.75 -2.14 -1.05
N VAL A 99 -15.59 -3.42 -0.90
CA VAL A 99 -14.40 -4.11 -0.44
C VAL A 99 -13.94 -4.90 -1.60
N VAL A 100 -12.79 -4.49 -2.11
CA VAL A 100 -12.09 -5.31 -3.08
C VAL A 100 -11.01 -6.18 -2.46
N VAL A 101 -11.05 -7.48 -2.79
CA VAL A 101 -10.06 -8.41 -2.36
C VAL A 101 -9.12 -8.80 -3.51
N THR A 102 -7.86 -8.95 -3.15
CA THR A 102 -6.75 -9.25 -4.09
C THR A 102 -5.68 -10.12 -3.44
N THR A 103 -4.71 -10.51 -4.28
CA THR A 103 -3.52 -11.21 -3.86
C THR A 103 -2.37 -10.31 -4.29
N PHE A 104 -1.15 -10.71 -3.98
CA PHE A 104 0.01 -9.87 -4.24
C PHE A 104 0.17 -9.68 -5.75
N LYS A 105 -0.32 -10.66 -6.49
CA LYS A 105 -0.28 -10.65 -7.94
C LYS A 105 -0.84 -9.38 -8.51
N ARG A 106 -1.93 -8.93 -7.93
CA ARG A 106 -2.58 -7.73 -8.36
C ARG A 106 -2.61 -6.64 -7.26
N ALA A 107 -1.60 -6.62 -6.42
CA ALA A 107 -1.41 -5.51 -5.50
C ALA A 107 -1.40 -4.15 -6.14
N GLY A 108 -0.80 -4.06 -7.35
CA GLY A 108 -0.65 -2.80 -7.99
C GLY A 108 -1.87 -2.18 -8.64
N TYR A 109 -2.98 -2.91 -8.65
CA TYR A 109 -4.26 -2.32 -9.02
C TYR A 109 -4.76 -1.36 -7.96
N PHE A 110 -3.94 -1.10 -6.94
CA PHE A 110 -4.36 -0.22 -5.77
C PHE A 110 -4.80 1.18 -6.27
N GLU A 111 -4.06 1.75 -7.19
CA GLU A 111 -4.35 3.07 -7.68
C GLU A 111 -5.59 3.17 -8.52
N ARG A 112 -5.92 2.16 -9.35
CA ARG A 112 -7.17 2.16 -10.04
C ARG A 112 -8.32 2.05 -8.97
N ALA A 113 -8.08 1.26 -7.96
CA ALA A 113 -9.16 1.10 -6.86
C ALA A 113 -9.39 2.44 -6.16
N VAL A 114 -8.33 3.17 -5.90
CA VAL A 114 -8.39 4.45 -5.17
C VAL A 114 -9.11 5.47 -6.04
N LYS A 115 -8.74 5.55 -7.32
CA LYS A 115 -9.43 6.39 -8.29
C LYS A 115 -10.88 6.22 -8.39
N ALA A 116 -11.37 5.01 -8.08
CA ALA A 116 -12.79 4.71 -8.02
C ALA A 116 -13.36 4.71 -6.62
N GLY A 117 -12.62 5.22 -5.66
CA GLY A 117 -13.20 5.38 -4.31
C GLY A 117 -13.51 4.10 -3.55
N VAL A 118 -12.65 3.09 -3.68
CA VAL A 118 -12.86 1.86 -2.95
C VAL A 118 -12.83 2.09 -1.43
N ASP A 119 -13.74 1.42 -0.72
CA ASP A 119 -13.63 1.58 0.71
C ASP A 119 -12.52 0.75 1.36
N ALA A 120 -12.25 -0.44 0.83
CA ALA A 120 -11.21 -1.28 1.36
C ALA A 120 -10.58 -2.08 0.26
N TYR A 121 -9.31 -2.32 0.51
CA TYR A 121 -8.43 -3.01 -0.50
C TYR A 121 -7.66 -3.94 0.38
N VAL A 122 -8.04 -5.21 0.41
CA VAL A 122 -7.49 -6.14 1.27
C VAL A 122 -7.09 -7.50 0.66
N LEU A 123 -6.27 -8.20 1.42
CA LEU A 123 -5.83 -9.52 1.07
C LEU A 123 -6.99 -10.47 0.98
N LYS A 124 -7.02 -11.21 -0.12
CA LYS A 124 -7.98 -12.26 -0.31
C LYS A 124 -7.87 -13.40 0.69
N GLU A 125 -6.65 -13.80 1.05
CA GLU A 125 -6.40 -14.93 1.96
C GLU A 125 -6.33 -14.42 3.38
N ARG A 126 -7.52 -14.35 4.05
CA ARG A 126 -7.57 -13.82 5.40
C ARG A 126 -8.77 -14.55 5.98
N SER A 127 -8.84 -14.56 7.27
CA SER A 127 -9.88 -15.32 7.92
C SER A 127 -11.23 -14.60 7.94
N ILE A 128 -12.27 -15.36 8.25
CA ILE A 128 -13.60 -14.81 8.43
C ILE A 128 -13.61 -13.71 9.49
N ALA A 129 -12.87 -13.88 10.55
CA ALA A 129 -12.80 -12.85 11.58
C ALA A 129 -12.21 -11.54 11.07
N ASP A 130 -11.16 -11.67 10.28
CA ASP A 130 -10.55 -10.54 9.70
C ASP A 130 -11.44 -9.84 8.68
N LEU A 131 -12.14 -10.63 7.87
CA LEU A 131 -12.99 -10.05 6.91
C LEU A 131 -14.16 -9.30 7.63
N MET A 132 -14.79 -9.93 8.62
CA MET A 132 -15.81 -9.22 9.45
C MET A 132 -15.30 -7.89 10.06
N GLN A 133 -14.01 -7.79 10.41
CA GLN A 133 -13.49 -6.56 10.91
C GLN A 133 -13.45 -5.54 9.79
N THR A 134 -13.01 -5.96 8.58
CA THR A 134 -13.12 -5.09 7.47
C THR A 134 -14.59 -4.60 7.24
N LEU A 135 -15.54 -5.50 7.19
CA LEU A 135 -16.90 -5.12 7.01
C LEU A 135 -17.36 -4.01 8.03
N HIS A 136 -17.10 -4.22 9.29
CA HIS A 136 -17.49 -3.21 10.34
C HIS A 136 -16.76 -1.88 10.16
N THR A 137 -15.48 -1.94 9.87
CA THR A 137 -14.72 -0.75 9.61
C THR A 137 -15.38 0.08 8.51
N VAL A 138 -15.68 -0.51 7.35
CA VAL A 138 -16.20 0.23 6.20
C VAL A 138 -17.62 0.73 6.47
N LEU A 139 -18.41 -0.14 7.08
CA LEU A 139 -19.74 0.29 7.55
C LEU A 139 -19.71 1.50 8.44
N GLU A 140 -18.74 1.64 9.33
CA GLU A 140 -18.58 2.89 10.09
C GLU A 140 -17.91 4.05 9.36
N GLY A 141 -17.77 3.92 8.07
CA GLY A 141 -17.35 5.02 7.24
C GLY A 141 -15.84 5.23 7.23
N ARG A 142 -15.06 4.23 7.60
CA ARG A 142 -13.60 4.31 7.56
C ARG A 142 -13.07 3.45 6.41
N LYS A 143 -11.85 3.75 5.99
CA LYS A 143 -11.22 2.95 4.96
C LYS A 143 -10.39 1.90 5.64
N GLU A 144 -10.02 0.86 4.90
CA GLU A 144 -9.08 -0.14 5.37
C GLU A 144 -8.27 -0.72 4.22
N TYR A 145 -7.00 -0.43 4.24
CA TYR A 145 -6.11 -1.00 3.25
C TYR A 145 -5.15 -1.96 3.95
N SER A 146 -5.08 -3.21 3.52
CA SER A 146 -4.22 -4.23 4.22
C SER A 146 -2.78 -3.73 4.33
N PRO A 147 -2.18 -3.76 5.53
CA PRO A 147 -0.81 -3.35 5.76
C PRO A 147 0.17 -4.10 4.85
N GLU A 148 -0.12 -5.38 4.64
CA GLU A 148 0.76 -6.27 3.86
C GLU A 148 0.82 -5.83 2.38
N LEU A 149 -0.33 -5.43 1.85
CA LEU A 149 -0.42 -4.93 0.47
C LEU A 149 0.38 -3.63 0.24
N MET A 150 0.14 -2.72 1.18
CA MET A 150 0.85 -1.45 1.19
C MET A 150 2.34 -1.66 1.23
N GLU A 151 2.80 -2.53 2.11
CA GLU A 151 4.24 -2.83 2.16
C GLU A 151 4.81 -3.38 0.86
N MET A 152 4.11 -4.32 0.23
CA MET A 152 4.54 -4.96 -1.02
C MET A 152 4.61 -3.92 -2.11
N VAL A 153 3.60 -3.05 -2.16
CA VAL A 153 3.54 -2.00 -3.22
C VAL A 153 4.66 -1.03 -3.07
N MET A 154 4.96 -0.67 -1.83
CA MET A 154 6.01 0.26 -1.53
C MET A 154 7.38 -0.29 -1.83
N THR A 155 7.54 -1.61 -1.69
CA THR A 155 8.88 -2.21 -1.58
C THR A 155 9.37 -2.80 -2.91
N ARG A 156 8.45 -3.38 -3.63
CA ARG A 156 8.70 -4.17 -4.85
C ARG A 156 9.22 -3.26 -5.93
N PRO A 157 10.30 -3.65 -6.62
CA PRO A 157 10.67 -2.85 -7.76
C PRO A 157 9.90 -3.26 -9.00
N ASN A 158 10.03 -2.44 -10.05
CA ASN A 158 9.72 -2.88 -11.37
C ASN A 158 10.60 -4.09 -11.70
N PRO A 159 9.99 -5.25 -12.00
CA PRO A 159 10.67 -6.51 -12.19
C PRO A 159 11.14 -6.66 -13.63
N LEU A 160 10.62 -5.78 -14.47
CA LEU A 160 10.92 -5.83 -15.92
C LEU A 160 12.22 -5.10 -16.26
N THR A 161 12.84 -5.46 -17.39
CA THR A 161 13.92 -4.66 -17.95
C THR A 161 13.38 -3.63 -18.97
N GLU A 162 14.26 -2.74 -19.41
CA GLU A 162 13.83 -1.71 -20.33
C GLU A 162 13.28 -2.35 -21.61
N GLN A 163 13.91 -3.42 -22.11
CA GLN A 163 13.46 -4.10 -23.36
C GLN A 163 12.17 -4.88 -23.17
N GLU A 164 12.04 -5.49 -22.01
CA GLU A 164 10.77 -6.11 -21.64
C GLU A 164 9.63 -5.10 -21.67
N ILE A 165 9.84 -3.92 -21.10
CA ILE A 165 8.85 -2.84 -21.11
C ILE A 165 8.52 -2.47 -22.57
N ALA A 166 9.54 -2.36 -23.41
CA ALA A 166 9.27 -2.04 -24.78
C ALA A 166 8.41 -3.09 -25.45
N VAL A 167 8.74 -4.36 -25.26
CA VAL A 167 7.92 -5.44 -25.75
C VAL A 167 6.44 -5.29 -25.27
N LEU A 168 6.28 -5.01 -23.98
CA LEU A 168 4.90 -4.97 -23.44
C LEU A 168 4.08 -3.83 -23.93
N LYS A 169 4.70 -2.67 -24.12
CA LYS A 169 4.07 -1.54 -24.77
C LYS A 169 3.57 -1.99 -26.19
N GLY A 170 4.37 -2.78 -26.91
CA GLY A 170 3.91 -3.35 -28.18
C GLY A 170 2.66 -4.22 -28.03
N ILE A 171 2.71 -5.10 -27.05
CA ILE A 171 1.61 -6.00 -26.75
C ILE A 171 0.35 -5.20 -26.40
N ALA A 172 0.49 -4.16 -25.60
CA ALA A 172 -0.62 -3.25 -25.25
C ALA A 172 -1.29 -2.67 -26.47
N ARG A 173 -0.54 -2.36 -27.54
CA ARG A 173 -1.20 -1.84 -28.72
C ARG A 173 -1.51 -2.89 -29.80
N GLY A 174 -1.54 -4.15 -29.39
CA GLY A 174 -2.08 -5.18 -30.20
C GLY A 174 -1.07 -5.88 -31.09
N LEU A 175 0.20 -5.52 -30.99
CA LEU A 175 1.22 -6.08 -31.91
C LEU A 175 1.39 -7.60 -31.72
N SER A 176 1.48 -8.30 -32.83
CA SER A 176 2.02 -9.65 -32.86
C SER A 176 3.50 -9.65 -32.47
N ASN A 177 4.03 -10.85 -32.25
CA ASN A 177 5.42 -11.06 -31.90
C ASN A 177 6.33 -10.68 -33.05
N GLN A 178 5.90 -11.00 -34.26
CA GLN A 178 6.68 -10.65 -35.47
C GLN A 178 6.77 -9.14 -35.71
N GLU A 179 5.66 -8.44 -35.48
CA GLU A 179 5.62 -7.01 -35.59
C GLU A 179 6.51 -6.35 -34.53
N ILE A 180 6.45 -6.81 -33.30
CA ILE A 180 7.35 -6.31 -32.29
C ILE A 180 8.80 -6.64 -32.67
N ALA A 181 9.00 -7.85 -33.11
CA ALA A 181 10.35 -8.27 -33.47
C ALA A 181 10.91 -7.31 -34.56
N ASP A 182 10.08 -7.00 -35.56
CA ASP A 182 10.49 -6.09 -36.66
C ASP A 182 10.79 -4.67 -36.22
N GLN A 183 10.00 -4.17 -35.29
CA GLN A 183 10.22 -2.85 -34.77
C GLN A 183 11.41 -2.77 -33.84
N LEU A 184 11.69 -3.86 -33.10
CA LEU A 184 12.83 -3.90 -32.19
C LEU A 184 14.13 -4.41 -32.87
N TYR A 185 14.05 -4.85 -34.13
CA TYR A 185 15.22 -5.39 -34.87
C TYR A 185 15.81 -6.64 -34.23
N LEU A 186 14.89 -7.52 -33.88
CA LEU A 186 15.16 -8.70 -33.12
C LEU A 186 14.46 -9.85 -33.79
N SER A 187 14.87 -11.08 -33.48
CA SER A 187 14.24 -12.24 -34.11
C SER A 187 12.92 -12.51 -33.43
N ASN A 188 12.03 -13.12 -34.17
CA ASN A 188 10.78 -13.64 -33.62
C ASN A 188 11.00 -14.49 -32.37
N GLY A 189 11.98 -15.39 -32.43
CA GLY A 189 12.34 -16.27 -31.31
C GLY A 189 12.80 -15.50 -30.07
N THR A 190 13.52 -14.40 -30.27
CA THR A 190 13.92 -13.55 -29.16
C THR A 190 12.68 -12.99 -28.46
N ILE A 191 11.74 -12.50 -29.26
CA ILE A 191 10.56 -11.86 -28.70
C ILE A 191 9.75 -12.90 -27.91
N ARG A 192 9.61 -14.13 -28.41
CA ARG A 192 8.89 -15.20 -27.63
C ARG A 192 9.53 -15.49 -26.31
N ASN A 193 10.86 -15.59 -26.28
CA ASN A 193 11.56 -15.78 -25.01
C ASN A 193 11.32 -14.59 -24.10
N TYR A 194 11.37 -13.36 -24.63
CA TYR A 194 11.09 -12.19 -23.76
C TYR A 194 9.66 -12.32 -23.18
N VAL A 195 8.69 -12.73 -24.01
CA VAL A 195 7.30 -12.82 -23.52
C VAL A 195 7.22 -13.88 -22.42
N THR A 196 7.87 -15.03 -22.64
CA THR A 196 7.93 -16.05 -21.65
C THR A 196 8.49 -15.50 -20.33
N ASN A 197 9.65 -14.82 -20.38
CA ASN A 197 10.21 -14.24 -19.17
C ASN A 197 9.25 -13.26 -18.48
N ILE A 198 8.57 -12.46 -19.28
CA ILE A 198 7.66 -11.47 -18.76
C ILE A 198 6.48 -12.17 -18.05
N LEU A 199 5.92 -13.17 -18.71
CA LEU A 199 4.79 -13.90 -18.16
C LEU A 199 5.15 -14.48 -16.81
N SER A 200 6.38 -14.95 -16.68
CA SER A 200 6.88 -15.56 -15.45
C SER A 200 7.04 -14.50 -14.38
N LYS A 201 7.67 -13.40 -14.75
CA LYS A 201 7.87 -12.32 -13.82
C LYS A 201 6.57 -11.74 -13.25
N LEU A 202 5.50 -11.72 -14.02
CA LEU A 202 4.25 -11.06 -13.60
C LEU A 202 3.22 -12.04 -13.12
N ASP A 203 3.57 -13.33 -13.22
CA ASP A 203 2.70 -14.41 -12.79
C ASP A 203 1.49 -14.33 -13.68
N ALA A 204 1.66 -14.10 -14.96
CA ALA A 204 0.50 -13.85 -15.83
C ALA A 204 0.22 -15.01 -16.79
N GLY A 205 -1.05 -15.21 -17.11
CA GLY A 205 -1.50 -16.33 -17.92
C GLY A 205 -1.33 -16.10 -19.40
N ASN A 206 -1.33 -14.85 -19.83
CA ASN A 206 -1.29 -14.53 -21.26
C ASN A 206 -0.68 -13.17 -21.42
N ARG A 207 -0.38 -12.79 -22.66
CA ARG A 207 0.26 -11.52 -22.96
C ARG A 207 -0.60 -10.30 -22.64
N THR A 208 -1.89 -10.39 -22.94
CA THR A 208 -2.83 -9.34 -22.58
C THR A 208 -2.84 -9.10 -21.06
N GLU A 209 -2.91 -10.16 -20.29
CA GLU A 209 -2.98 -9.98 -18.83
C GLU A 209 -1.65 -9.42 -18.33
N ALA A 210 -0.55 -9.82 -18.95
CA ALA A 210 0.72 -9.23 -18.57
C ALA A 210 0.72 -7.73 -18.81
N ALA A 211 0.23 -7.30 -19.94
CA ALA A 211 0.23 -5.88 -20.33
C ALA A 211 -0.59 -5.06 -19.33
N ASN A 212 -1.75 -5.62 -19.01
CA ASN A 212 -2.66 -4.92 -18.07
C ASN A 212 -2.02 -4.72 -16.71
N ILE A 213 -1.53 -5.82 -16.12
CA ILE A 213 -0.87 -5.82 -14.81
C ILE A 213 0.28 -4.83 -14.79
N ALA A 214 1.14 -4.90 -15.79
CA ALA A 214 2.23 -3.97 -15.86
C ALA A 214 1.77 -2.49 -15.94
N LYS A 215 0.73 -2.22 -16.73
CA LYS A 215 0.23 -0.87 -16.91
C LYS A 215 -0.26 -0.36 -15.59
N GLU A 216 -1.19 -1.15 -15.03
CA GLU A 216 -1.84 -0.79 -13.78
C GLU A 216 -0.88 -0.67 -12.64
N SER A 217 0.18 -1.49 -12.62
CA SER A 217 1.13 -1.42 -11.51
C SER A 217 2.11 -0.34 -11.56
N GLY A 218 2.18 0.37 -12.68
CA GLY A 218 2.97 1.56 -12.76
C GLY A 218 4.24 1.28 -13.56
N TRP A 219 4.29 0.15 -14.24
CA TRP A 219 5.58 -0.32 -14.71
C TRP A 219 5.78 -0.08 -16.18
N LEU A 220 4.79 0.51 -16.85
CA LEU A 220 4.99 0.90 -18.25
C LEU A 220 4.98 2.43 -18.45
N HIS B 21 -6.12 -0.66 34.01
CA HIS B 21 -5.99 -1.03 32.58
C HIS B 21 -4.71 -0.36 31.92
N MET B 22 -4.85 0.25 30.74
CA MET B 22 -3.70 0.64 29.91
C MET B 22 -2.89 1.83 30.43
N LYS B 23 -1.58 1.73 30.25
CA LYS B 23 -0.67 2.79 30.51
C LYS B 23 -0.16 3.28 29.12
N VAL B 24 -0.32 4.58 28.93
CA VAL B 24 -0.09 5.22 27.62
C VAL B 24 0.93 6.31 27.80
N LEU B 25 1.94 6.30 26.91
CA LEU B 25 2.97 7.33 26.84
C LEU B 25 2.69 8.24 25.64
N VAL B 26 2.70 9.55 25.91
CA VAL B 26 2.71 10.58 24.83
C VAL B 26 4.05 11.24 24.77
N ALA B 27 4.74 11.12 23.61
CA ALA B 27 5.91 11.84 23.51
C ALA B 27 5.77 12.80 22.26
N GLU B 28 5.77 14.06 22.56
CA GLU B 28 5.30 15.14 21.74
C GLU B 28 5.94 16.39 22.26
N ASP B 29 6.72 17.09 21.44
CA ASP B 29 7.36 18.28 21.87
C ASP B 29 6.48 19.54 21.80
N GLN B 30 5.36 19.54 21.09
CA GLN B 30 4.54 20.73 21.01
C GLN B 30 3.56 20.69 22.15
N SER B 31 3.71 21.66 23.02
CA SER B 31 2.93 21.75 24.31
C SER B 31 1.44 21.61 24.10
N MET B 32 0.88 22.32 23.14
CA MET B 32 -0.59 22.12 22.90
C MET B 32 -1.02 20.77 22.37
N LEU B 33 -0.28 20.20 21.43
CA LEU B 33 -0.52 18.84 20.95
C LEU B 33 -0.42 17.84 22.10
N ARG B 34 0.63 17.98 22.90
CA ARG B 34 0.87 17.08 24.02
C ARG B 34 -0.25 17.11 25.02
N ASP B 35 -0.55 18.31 25.46
CA ASP B 35 -1.67 18.52 26.48
C ASP B 35 -3.01 18.05 25.93
N ALA B 36 -3.28 18.29 24.65
CA ALA B 36 -4.55 17.85 24.06
C ALA B 36 -4.64 16.31 23.91
N MET B 37 -3.55 15.67 23.47
CA MET B 37 -3.47 14.21 23.38
C MET B 37 -3.74 13.64 24.79
N CYS B 38 -3.09 14.21 25.80
CA CYS B 38 -3.18 13.69 27.20
C CYS B 38 -4.57 13.88 27.69
N GLN B 39 -5.09 15.09 27.50
CA GLN B 39 -6.46 15.38 27.95
C GLN B 39 -7.47 14.43 27.28
N LEU B 40 -7.39 14.18 25.98
CA LEU B 40 -8.32 13.19 25.39
C LEU B 40 -8.09 11.80 25.88
N LEU B 41 -6.83 11.41 26.22
CA LEU B 41 -6.60 10.06 26.80
C LEU B 41 -7.31 9.92 28.16
N THR B 42 -7.40 11.01 28.90
CA THR B 42 -8.08 10.90 30.25
C THR B 42 -9.59 10.57 30.15
N LEU B 43 -10.14 10.70 28.93
CA LEU B 43 -11.57 10.41 28.66
C LEU B 43 -11.77 9.01 28.12
N GLN B 44 -10.67 8.29 27.85
CA GLN B 44 -10.82 6.97 27.26
C GLN B 44 -11.00 5.99 28.43
N PRO B 45 -12.00 5.11 28.35
CA PRO B 45 -12.33 4.27 29.53
C PRO B 45 -11.23 3.25 29.91
N ASP B 46 -10.59 2.66 28.92
CA ASP B 46 -9.59 1.63 29.18
C ASP B 46 -8.18 2.17 29.53
N VAL B 47 -8.04 3.49 29.78
CA VAL B 47 -6.76 4.11 30.13
C VAL B 47 -6.73 4.44 31.61
N GLU B 48 -5.68 3.97 32.28
CA GLU B 48 -5.53 4.10 33.71
C GLU B 48 -4.44 5.13 34.04
N SER B 49 -3.42 5.27 33.18
CA SER B 49 -2.45 6.28 33.48
C SER B 49 -1.85 6.80 32.19
N VAL B 50 -1.44 8.03 32.27
CA VAL B 50 -0.84 8.75 31.12
C VAL B 50 0.51 9.33 31.51
N LEU B 51 1.52 9.08 30.66
CA LEU B 51 2.88 9.54 30.87
C LEU B 51 3.23 10.42 29.69
N GLN B 52 3.99 11.46 29.91
CA GLN B 52 4.33 12.37 28.83
C GLN B 52 5.78 12.74 28.87
N ALA B 53 6.34 13.04 27.66
CA ALA B 53 7.73 13.40 27.47
C ALA B 53 7.74 14.39 26.30
N LYS B 54 8.66 15.34 26.36
CA LYS B 54 8.72 16.35 25.31
C LYS B 54 9.82 16.11 24.28
N ASN B 55 10.60 15.07 24.46
CA ASN B 55 11.58 14.68 23.42
C ASN B 55 11.84 13.21 23.47
N GLY B 56 12.57 12.70 22.51
CA GLY B 56 12.73 11.28 22.42
C GLY B 56 13.66 10.66 23.45
N GLN B 57 14.67 11.44 23.96
CA GLN B 57 15.56 10.93 24.95
C GLN B 57 14.73 10.74 26.30
N GLU B 58 13.92 11.73 26.61
CA GLU B 58 12.99 11.64 27.77
C GLU B 58 12.02 10.49 27.66
N ALA B 59 11.50 10.27 26.47
CA ALA B 59 10.61 9.11 26.21
C ALA B 59 11.30 7.75 26.49
N ILE B 60 12.53 7.57 25.99
CA ILE B 60 13.30 6.39 26.29
C ILE B 60 13.53 6.19 27.80
N GLN B 61 13.79 7.27 28.53
CA GLN B 61 14.09 7.16 29.91
C GLN B 61 12.80 6.70 30.62
N LEU B 62 11.64 7.15 30.15
CA LEU B 62 10.36 6.70 30.90
C LEU B 62 10.11 5.23 30.56
N LEU B 63 10.45 4.84 29.32
CA LEU B 63 10.42 3.45 28.95
C LEU B 63 11.44 2.58 29.66
N GLU B 64 12.45 3.15 30.28
CA GLU B 64 13.40 2.42 31.12
C GLU B 64 12.88 2.32 32.51
N LYS B 65 11.91 3.17 32.81
CA LYS B 65 11.32 3.30 34.17
C LYS B 65 10.10 2.46 34.34
N GLU B 66 9.22 2.47 33.35
CA GLU B 66 7.83 1.97 33.50
C GLU B 66 7.36 1.12 32.34
N SER B 67 6.46 0.21 32.64
CA SER B 67 5.87 -0.62 31.63
C SER B 67 4.86 0.26 30.91
N VAL B 68 4.84 0.25 29.58
CA VAL B 68 3.90 1.03 28.79
C VAL B 68 3.20 0.14 27.75
N ASP B 69 1.89 0.24 27.64
CA ASP B 69 1.11 -0.60 26.73
C ASP B 69 1.12 -0.05 25.32
N ILE B 70 1.06 1.27 25.23
CA ILE B 70 0.99 1.95 23.91
C ILE B 70 1.64 3.32 24.01
N ALA B 71 2.40 3.70 22.99
CA ALA B 71 2.99 4.97 23.00
C ALA B 71 2.72 5.73 21.68
N ILE B 72 2.42 7.03 21.83
CA ILE B 72 2.29 7.98 20.71
C ILE B 72 3.59 8.75 20.60
N LEU B 73 4.17 8.70 19.43
CA LEU B 73 5.51 9.26 19.24
C LEU B 73 5.55 10.20 18.02
N ASP B 74 5.95 11.46 18.24
CA ASP B 74 5.91 12.42 17.18
C ASP B 74 7.29 12.29 16.48
N VAL B 75 7.26 12.15 15.19
CA VAL B 75 8.50 12.06 14.41
C VAL B 75 9.34 13.36 14.52
N GLU B 76 8.70 14.50 14.71
CA GLU B 76 9.42 15.77 14.77
C GLU B 76 9.99 16.19 16.11
N MET B 77 10.00 15.31 17.13
CA MET B 77 10.68 15.64 18.36
C MET B 77 12.17 15.98 18.16
N PRO B 78 12.66 16.96 18.93
CA PRO B 78 14.08 17.19 19.11
C PRO B 78 14.78 16.06 19.93
N VAL B 79 16.10 16.10 19.92
CA VAL B 79 17.04 15.27 20.63
C VAL B 79 17.09 13.86 20.05
N LYS B 80 16.01 13.10 20.16
CA LYS B 80 15.78 11.87 19.46
C LYS B 80 14.37 11.92 18.89
N THR B 81 14.27 11.55 17.64
CA THR B 81 12.98 11.63 16.96
C THR B 81 12.08 10.45 17.30
N GLY B 82 10.81 10.54 16.94
CA GLY B 82 9.86 9.41 17.26
C GLY B 82 10.21 8.15 16.48
N LEU B 83 10.91 8.27 15.33
CA LEU B 83 11.36 7.08 14.68
C LEU B 83 12.49 6.37 15.44
N GLU B 84 13.42 7.12 16.02
CA GLU B 84 14.46 6.58 16.86
C GLU B 84 13.88 5.90 18.16
N VAL B 85 12.90 6.56 18.62
CA VAL B 85 12.29 5.94 19.88
C VAL B 85 11.67 4.62 19.51
N LEU B 86 10.83 4.55 18.47
CA LEU B 86 10.28 3.31 17.93
C LEU B 86 11.30 2.24 17.76
N GLU B 87 12.38 2.57 17.05
CA GLU B 87 13.47 1.63 16.91
C GLU B 87 14.11 1.13 18.19
N TRP B 88 14.27 1.98 19.20
CA TRP B 88 14.78 1.57 20.48
C TRP B 88 13.82 0.59 21.17
N ILE B 89 12.56 0.95 21.13
CA ILE B 89 11.48 0.08 21.73
C ILE B 89 11.52 -1.32 21.11
N ARG B 90 11.74 -1.40 19.79
CA ARG B 90 11.69 -2.65 19.11
C ARG B 90 13.01 -3.45 19.38
N SER B 91 14.15 -2.76 19.34
CA SER B 91 15.43 -3.32 19.78
C SER B 91 15.43 -3.93 21.14
N GLU B 92 14.69 -3.30 22.05
CA GLU B 92 14.51 -3.82 23.41
C GLU B 92 13.41 -4.82 23.55
N LYS B 93 12.68 -5.09 22.47
CA LYS B 93 11.61 -6.14 22.49
C LYS B 93 10.58 -5.87 23.56
N LEU B 94 10.32 -4.59 23.78
CA LEU B 94 9.24 -4.21 24.74
C LEU B 94 7.91 -4.57 24.19
N GLU B 95 7.00 -4.97 25.07
CA GLU B 95 5.65 -5.28 24.62
C GLU B 95 4.82 -4.01 24.58
N THR B 96 5.18 -3.08 23.70
CA THR B 96 4.58 -1.75 23.69
C THR B 96 4.12 -1.49 22.28
N LYS B 97 2.85 -1.20 22.07
CA LYS B 97 2.40 -0.82 20.70
C LYS B 97 2.81 0.64 20.42
N VAL B 98 3.09 0.94 19.15
CA VAL B 98 3.65 2.27 18.78
C VAL B 98 2.80 2.87 17.67
N VAL B 99 2.22 4.03 17.94
CA VAL B 99 1.64 4.99 17.00
C VAL B 99 2.48 6.21 16.80
N VAL B 100 2.99 6.35 15.56
CA VAL B 100 3.77 7.52 15.19
C VAL B 100 2.90 8.54 14.47
N VAL B 101 3.11 9.82 14.83
CA VAL B 101 2.45 10.97 14.22
C VAL B 101 3.52 11.87 13.48
N THR B 102 3.21 12.29 12.29
CA THR B 102 4.09 13.18 11.54
C THR B 102 3.33 14.18 10.62
N THR B 103 3.97 15.32 10.34
CA THR B 103 3.43 16.31 9.41
C THR B 103 3.87 15.94 7.98
N PHE B 104 4.94 15.21 7.89
CA PHE B 104 5.56 15.04 6.57
C PHE B 104 5.00 13.82 5.85
N LYS B 105 4.85 13.95 4.52
CA LYS B 105 4.38 12.88 3.67
C LYS B 105 5.48 12.12 2.90
N ARG B 106 6.75 12.37 3.21
CA ARG B 106 7.83 11.59 2.64
C ARG B 106 7.57 10.12 2.93
N ALA B 107 7.60 9.33 1.85
CA ALA B 107 7.49 7.91 1.94
C ALA B 107 8.67 7.28 2.72
N GLY B 108 9.84 7.91 2.70
CA GLY B 108 11.03 7.40 3.41
C GLY B 108 10.88 7.24 4.90
N TYR B 109 10.13 8.18 5.50
CA TYR B 109 9.81 8.14 6.93
C TYR B 109 8.87 6.98 7.18
N PHE B 110 7.87 6.85 6.35
CA PHE B 110 6.93 5.72 6.41
C PHE B 110 7.65 4.42 6.25
N GLU B 111 8.52 4.30 5.24
CA GLU B 111 9.32 3.11 5.07
C GLU B 111 10.17 2.74 6.28
N ARG B 112 10.84 3.70 6.89
CA ARG B 112 11.64 3.50 8.02
C ARG B 112 10.74 2.96 9.17
N ALA B 113 9.63 3.59 9.30
CA ALA B 113 8.71 3.12 10.40
C ALA B 113 8.23 1.67 10.16
N VAL B 114 7.83 1.31 8.94
CA VAL B 114 7.45 -0.06 8.60
C VAL B 114 8.57 -1.09 8.85
N LYS B 115 9.82 -0.72 8.53
CA LYS B 115 10.92 -1.57 8.84
C LYS B 115 11.07 -1.88 10.33
N ALA B 116 10.65 -0.96 11.20
CA ALA B 116 10.69 -1.22 12.66
C ALA B 116 9.38 -1.65 13.16
N GLY B 117 8.47 -2.00 12.28
CA GLY B 117 7.25 -2.68 12.80
C GLY B 117 6.29 -1.76 13.50
N VAL B 118 6.18 -0.53 13.04
CA VAL B 118 5.22 0.48 13.62
C VAL B 118 3.84 -0.14 13.55
N ASP B 119 3.04 0.06 14.62
CA ASP B 119 1.68 -0.39 14.58
C ASP B 119 0.70 0.53 13.82
N ALA B 120 0.87 1.84 13.93
CA ALA B 120 0.08 2.78 13.22
C ALA B 120 0.90 4.03 12.91
N TYR B 121 0.50 4.67 11.85
CA TYR B 121 1.17 5.83 11.29
C TYR B 121 0.08 6.80 10.88
N VAL B 122 0.08 7.97 11.52
CA VAL B 122 -0.88 9.01 11.33
C VAL B 122 -0.33 10.37 10.96
N LEU B 123 -0.99 11.04 10.02
CA LEU B 123 -0.60 12.40 9.63
C LEU B 123 -1.26 13.40 10.53
N LYS B 124 -0.59 14.54 10.71
CA LYS B 124 -1.16 15.69 11.37
C LYS B 124 -2.23 16.45 10.55
N GLU B 125 -2.73 15.86 9.46
CA GLU B 125 -3.97 16.23 8.84
C GLU B 125 -5.14 15.78 9.67
N ARG B 126 -4.86 14.90 10.59
CA ARG B 126 -5.98 14.23 11.32
C ARG B 126 -6.26 14.96 12.58
N SER B 127 -7.45 14.79 13.16
CA SER B 127 -7.66 15.46 14.44
C SER B 127 -7.10 14.66 15.60
N ILE B 128 -7.18 15.23 16.81
CA ILE B 128 -6.77 14.53 17.97
C ILE B 128 -7.75 13.39 18.18
N ALA B 129 -9.02 13.62 17.92
CA ALA B 129 -10.05 12.54 18.02
C ALA B 129 -9.82 11.39 17.08
N ASP B 130 -9.34 11.70 15.85
CA ASP B 130 -9.05 10.64 14.93
C ASP B 130 -7.93 9.79 15.51
N LEU B 131 -6.90 10.46 16.03
CA LEU B 131 -5.78 9.79 16.67
C LEU B 131 -6.23 8.84 17.74
N MET B 132 -7.16 9.28 18.56
CA MET B 132 -7.72 8.32 19.56
C MET B 132 -8.37 7.06 18.98
N GLN B 133 -9.01 7.25 17.82
CA GLN B 133 -9.60 6.16 17.09
C GLN B 133 -8.51 5.19 16.62
N THR B 134 -7.44 5.70 16.00
CA THR B 134 -6.31 4.84 15.73
C THR B 134 -5.74 4.09 16.94
N LEU B 135 -5.72 4.74 18.10
CA LEU B 135 -5.25 4.09 19.31
C LEU B 135 -6.08 2.83 19.63
N HIS B 136 -7.39 2.91 19.44
CA HIS B 136 -8.22 1.74 19.73
C HIS B 136 -8.05 0.68 18.68
N THR B 137 -8.02 1.06 17.43
CA THR B 137 -7.67 0.10 16.38
C THR B 137 -6.44 -0.72 16.76
N VAL B 138 -5.40 -0.03 17.23
CA VAL B 138 -4.15 -0.74 17.55
C VAL B 138 -4.29 -1.59 18.81
N LEU B 139 -4.96 -1.07 19.83
CA LEU B 139 -5.32 -1.89 20.99
C LEU B 139 -6.17 -3.13 20.69
N GLU B 140 -6.99 -3.10 19.65
CA GLU B 140 -7.77 -4.30 19.28
C GLU B 140 -6.91 -5.28 18.48
N GLY B 141 -5.69 -4.90 18.12
CA GLY B 141 -4.72 -5.84 17.57
C GLY B 141 -4.40 -5.66 16.11
N ARG B 142 -4.80 -4.54 15.52
CA ARG B 142 -4.65 -4.36 14.08
C ARG B 142 -3.67 -3.23 13.83
N LYS B 143 -3.01 -3.29 12.72
CA LYS B 143 -2.20 -2.17 12.28
C LYS B 143 -3.06 -1.13 11.55
N GLU B 144 -2.58 0.12 11.42
CA GLU B 144 -3.32 1.13 10.70
C GLU B 144 -2.40 2.17 10.12
N TYR B 145 -2.12 2.02 8.82
CA TYR B 145 -1.28 2.96 8.12
C TYR B 145 -2.20 4.03 7.52
N SER B 146 -1.82 5.30 7.69
CA SER B 146 -2.64 6.40 7.26
C SER B 146 -3.23 6.17 5.81
N PRO B 147 -4.54 6.01 5.69
CA PRO B 147 -5.27 5.88 4.42
C PRO B 147 -4.91 6.95 3.44
N GLU B 148 -4.90 8.20 3.92
CA GLU B 148 -4.65 9.29 3.03
C GLU B 148 -3.22 9.30 2.54
N LEU B 149 -2.26 8.93 3.41
CA LEU B 149 -0.91 8.77 2.96
C LEU B 149 -0.79 7.67 1.88
N MET B 150 -1.45 6.55 2.16
CA MET B 150 -1.38 5.40 1.27
C MET B 150 -1.95 5.85 -0.10
N GLU B 151 -3.10 6.54 -0.08
CA GLU B 151 -3.72 7.13 -1.33
C GLU B 151 -2.72 8.06 -2.03
N MET B 152 -2.05 8.92 -1.27
CA MET B 152 -1.19 9.99 -1.88
C MET B 152 0.15 9.42 -2.43
N VAL B 153 0.73 8.46 -1.74
CA VAL B 153 2.11 8.06 -1.93
C VAL B 153 2.28 6.67 -2.51
N MET B 154 1.43 5.78 -2.05
CA MET B 154 1.55 4.39 -2.41
C MET B 154 1.03 4.06 -3.78
N THR B 155 0.19 4.96 -4.28
CA THR B 155 -0.39 4.84 -5.54
C THR B 155 0.67 5.27 -6.60
N ARG B 156 1.83 5.71 -6.17
CA ARG B 156 2.95 6.17 -7.09
C ARG B 156 4.22 5.42 -6.72
N PRO B 157 4.23 4.13 -7.04
CA PRO B 157 5.34 3.30 -6.62
C PRO B 157 6.55 3.55 -7.52
N ASN B 158 7.67 2.98 -7.11
CA ASN B 158 8.92 3.08 -7.85
C ASN B 158 8.77 2.52 -9.24
N PRO B 159 8.95 3.35 -10.27
CA PRO B 159 8.80 2.86 -11.61
C PRO B 159 10.11 2.29 -12.22
N LEU B 160 11.24 2.45 -11.54
CA LEU B 160 12.57 2.08 -12.01
C LEU B 160 12.87 0.57 -12.05
N THR B 161 13.57 0.17 -13.08
CA THR B 161 14.08 -1.17 -13.22
C THR B 161 15.26 -1.38 -12.29
N GLU B 162 15.60 -2.65 -12.10
CA GLU B 162 16.61 -3.07 -11.14
C GLU B 162 17.91 -2.38 -11.53
N GLN B 163 18.22 -2.40 -12.82
CA GLN B 163 19.39 -1.67 -13.29
C GLN B 163 19.33 -0.18 -13.08
N GLU B 164 18.15 0.40 -13.31
CA GLU B 164 18.01 1.84 -13.25
C GLU B 164 18.24 2.26 -11.79
N ILE B 165 17.70 1.44 -10.89
CA ILE B 165 17.90 1.59 -9.46
C ILE B 165 19.38 1.48 -9.08
N ALA B 166 20.08 0.51 -9.63
CA ALA B 166 21.51 0.39 -9.38
C ALA B 166 22.24 1.66 -9.86
N VAL B 167 21.87 2.17 -11.02
CA VAL B 167 22.44 3.44 -11.46
C VAL B 167 22.10 4.61 -10.53
N LEU B 168 20.85 4.69 -10.13
CA LEU B 168 20.44 5.81 -9.32
C LEU B 168 21.19 5.78 -8.00
N LYS B 169 21.44 4.59 -7.44
CA LYS B 169 22.18 4.49 -6.15
C LYS B 169 23.63 5.03 -6.36
N GLY B 170 24.21 4.67 -7.49
CA GLY B 170 25.51 5.20 -7.87
C GLY B 170 25.53 6.72 -7.82
N ILE B 171 24.60 7.35 -8.52
CA ILE B 171 24.50 8.82 -8.56
C ILE B 171 24.34 9.42 -7.17
N ALA B 172 23.46 8.84 -6.34
CA ALA B 172 23.23 9.35 -4.98
C ALA B 172 24.49 9.27 -4.09
N ARG B 173 25.34 8.30 -4.38
CA ARG B 173 26.62 8.15 -3.71
C ARG B 173 27.66 9.10 -4.26
N GLY B 174 27.30 9.88 -5.28
CA GLY B 174 28.17 10.92 -5.81
C GLY B 174 29.01 10.44 -6.97
N LEU B 175 28.69 9.27 -7.52
CA LEU B 175 29.46 8.74 -8.62
C LEU B 175 29.19 9.50 -9.92
N SER B 176 30.20 9.56 -10.77
CA SER B 176 30.06 10.05 -12.15
C SER B 176 29.55 8.90 -13.00
N ASN B 177 29.19 9.17 -14.25
CA ASN B 177 28.77 8.11 -15.17
C ASN B 177 29.85 7.08 -15.56
N GLN B 178 31.09 7.53 -15.77
CA GLN B 178 32.17 6.60 -16.18
C GLN B 178 32.42 5.62 -15.03
N GLU B 179 32.50 6.20 -13.83
CA GLU B 179 32.64 5.41 -12.62
C GLU B 179 31.49 4.37 -12.53
N ILE B 180 30.25 4.81 -12.77
CA ILE B 180 29.10 3.89 -12.66
C ILE B 180 29.24 2.79 -13.68
N ALA B 181 29.69 3.17 -14.88
CA ALA B 181 29.86 2.24 -15.99
C ALA B 181 30.87 1.11 -15.67
N ASP B 182 32.02 1.52 -15.12
CA ASP B 182 33.07 0.54 -14.78
C ASP B 182 32.60 -0.42 -13.70
N GLN B 183 31.96 0.11 -12.67
CA GLN B 183 31.49 -0.74 -11.60
C GLN B 183 30.55 -1.80 -12.10
N LEU B 184 29.70 -1.43 -13.06
CA LEU B 184 28.68 -2.36 -13.57
C LEU B 184 29.12 -3.15 -14.82
N TYR B 185 30.31 -2.85 -15.36
CA TYR B 185 30.77 -3.44 -16.64
C TYR B 185 29.87 -3.02 -17.83
N LEU B 186 29.78 -1.72 -18.12
CA LEU B 186 28.93 -1.22 -19.22
C LEU B 186 29.47 0.07 -19.78
N SER B 187 29.02 0.45 -20.97
CA SER B 187 29.55 1.64 -21.65
C SER B 187 29.11 2.90 -20.94
N ASN B 188 30.03 3.87 -20.89
CA ASN B 188 29.68 5.23 -20.52
C ASN B 188 28.37 5.66 -21.19
N GLY B 189 28.28 5.41 -22.50
CA GLY B 189 27.05 5.60 -23.28
C GLY B 189 25.81 5.09 -22.57
N THR B 190 25.80 3.79 -22.28
CA THR B 190 24.65 3.07 -21.67
C THR B 190 24.19 3.71 -20.31
N ILE B 191 25.15 4.16 -19.54
CA ILE B 191 24.85 4.82 -18.28
C ILE B 191 24.12 6.14 -18.47
N ARG B 192 24.57 7.01 -19.39
CA ARG B 192 23.87 8.30 -19.61
C ARG B 192 22.41 8.03 -20.06
N ASN B 193 22.21 6.96 -20.82
CA ASN B 193 20.88 6.58 -21.21
C ASN B 193 20.04 6.24 -20.01
N TYR B 194 20.62 5.43 -19.12
CA TYR B 194 19.89 5.00 -17.98
C TYR B 194 19.50 6.24 -17.25
N VAL B 195 20.42 7.19 -17.15
CA VAL B 195 20.18 8.45 -16.48
C VAL B 195 19.02 9.18 -17.14
N THR B 196 18.99 9.14 -18.47
CA THR B 196 17.98 9.88 -19.23
C THR B 196 16.60 9.30 -18.90
N ASN B 197 16.52 7.96 -18.92
CA ASN B 197 15.33 7.19 -18.53
C ASN B 197 14.88 7.50 -17.08
N ILE B 198 15.81 7.53 -16.15
CA ILE B 198 15.51 7.89 -14.76
C ILE B 198 14.87 9.31 -14.60
N LEU B 199 15.49 10.30 -15.22
CA LEU B 199 14.99 11.69 -15.20
C LEU B 199 13.59 11.76 -15.81
N SER B 200 13.39 11.07 -16.91
CA SER B 200 12.07 10.98 -17.48
C SER B 200 11.01 10.30 -16.58
N LYS B 201 11.31 9.11 -16.05
CA LYS B 201 10.34 8.38 -15.22
C LYS B 201 10.01 9.17 -13.97
N LEU B 202 11.02 9.84 -13.40
CA LEU B 202 10.85 10.62 -12.17
C LEU B 202 10.47 12.08 -12.43
N ASP B 203 10.29 12.46 -13.70
CA ASP B 203 10.07 13.87 -14.12
C ASP B 203 10.99 14.78 -13.34
N ALA B 204 12.29 14.47 -13.38
CA ALA B 204 13.30 15.23 -12.65
C ALA B 204 14.20 15.98 -13.63
N GLY B 205 14.66 17.16 -13.20
CA GLY B 205 15.39 18.08 -14.06
C GLY B 205 16.85 17.74 -14.19
N ASN B 206 17.42 17.14 -13.14
CA ASN B 206 18.82 16.72 -13.15
C ASN B 206 19.09 15.50 -12.25
N ARG B 207 20.34 15.04 -12.29
CA ARG B 207 20.79 13.86 -11.56
C ARG B 207 20.57 14.01 -10.05
N THR B 208 20.61 15.23 -9.58
CA THR B 208 20.62 15.47 -8.17
C THR B 208 19.19 15.43 -7.67
N GLU B 209 18.31 16.11 -8.39
CA GLU B 209 16.87 16.06 -8.12
C GLU B 209 16.41 14.58 -8.12
N ALA B 210 16.85 13.82 -9.14
CA ALA B 210 16.54 12.38 -9.26
C ALA B 210 16.85 11.61 -7.97
N ALA B 211 18.08 11.75 -7.49
CA ALA B 211 18.51 11.06 -6.32
C ALA B 211 17.72 11.54 -5.10
N ASN B 212 17.57 12.87 -4.96
CA ASN B 212 16.81 13.42 -3.84
C ASN B 212 15.41 12.83 -3.77
N ILE B 213 14.76 12.76 -4.93
CA ILE B 213 13.43 12.17 -5.03
C ILE B 213 13.43 10.72 -4.52
N ALA B 214 14.44 9.94 -4.87
CA ALA B 214 14.43 8.53 -4.50
C ALA B 214 14.79 8.35 -3.02
N LYS B 215 15.74 9.15 -2.53
CA LYS B 215 16.10 9.19 -1.11
C LYS B 215 14.94 9.62 -0.21
N GLU B 216 14.23 10.69 -0.58
CA GLU B 216 13.04 11.09 0.16
C GLU B 216 11.97 10.05 0.12
N SER B 217 11.85 9.40 -1.03
CA SER B 217 10.82 8.39 -1.26
C SER B 217 11.18 7.05 -0.65
N GLY B 218 12.37 6.91 -0.08
CA GLY B 218 12.86 5.63 0.44
C GLY B 218 13.16 4.58 -0.64
N TRP B 219 13.48 5.01 -1.86
CA TRP B 219 13.83 4.06 -2.94
C TRP B 219 15.31 3.70 -2.84
N LEU B 220 15.88 4.06 -1.70
CA LEU B 220 17.28 3.98 -1.40
C LEU B 220 18.06 4.84 -2.38
#